data_3AX1
#
_entry.id   3AX1
#
_cell.length_a   50.965
_cell.length_b   80.663
_cell.length_c   112.670
_cell.angle_alpha   90.00
_cell.angle_beta   90.00
_cell.angle_gamma   90.00
#
_symmetry.space_group_name_H-M   'P 21 21 21'
#
loop_
_entity.id
_entity.type
_entity.pdbx_description
1 polymer 'Serrate RNA effector molecule'
2 non-polymer 'ZINC ION'
3 water water
#
_entity_poly.entity_id   1
_entity_poly.type   'polypeptide(L)'
_entity_poly.pdbx_seq_one_letter_code
;GLMSYKQFIQELEDDILPSEAERRYQEYKSEYITTQKRAFFNTHKEEDWLKNKYHPTNLLSVIERRNDLAQKVAKDFLLD
LQSGTLDLGPAVTALNKSGRTSEPNSEDEAAGVGKRKRHGMGGAKENELLSAAPKAPSFTSDPKRILTDVEQTQALVRKL
DSEKKIEENVLQGSETEKSGREKLHSGSTGPVVIIRGLTSVKGLEGVELLDTLVTYLWRVHGLDYYGKVETNEAKGLRHV
RAEGKVSDAKGDENESKFDSHWQERLKGQDPLEVMAAKEKIDAAATEALDPHVRKIRDEKYGWKYGCGAKGCTKLFHAAE
FVYKHLKLKHTELVTELTTKVREELYFQNYLEHHHHHH
;
_entity_poly.pdbx_strand_id   A
#
# COMPACT_ATOMS: atom_id res chain seq x y z
N GLY A 1 6.06 15.90 26.38
CA GLY A 1 6.97 16.59 25.41
C GLY A 1 8.41 16.21 25.67
N LEU A 2 9.18 16.04 24.60
CA LEU A 2 10.58 15.67 24.75
C LEU A 2 11.40 16.82 25.35
N MET A 3 12.01 16.56 26.50
CA MET A 3 12.91 17.52 27.15
C MET A 3 14.10 17.80 26.26
N SER A 4 14.42 19.07 26.07
CA SER A 4 15.69 19.42 25.45
C SER A 4 16.80 18.92 26.37
N TYR A 5 18.03 18.87 25.86
CA TYR A 5 19.15 18.51 26.69
C TYR A 5 19.15 19.37 27.94
N LYS A 6 18.97 20.68 27.75
CA LYS A 6 19.15 21.69 28.81
C LYS A 6 18.36 21.41 30.09
N GLN A 7 17.14 20.91 29.91
CA GLN A 7 16.19 20.70 30.99
C GLN A 7 16.45 19.42 31.75
N PHE A 8 16.79 18.36 31.01
CA PHE A 8 17.08 17.05 31.60
C PHE A 8 18.20 17.08 32.66
N ILE A 9 19.25 17.86 32.38
CA ILE A 9 20.44 17.93 33.24
C ILE A 9 20.10 18.36 34.67
N GLN A 10 19.08 19.19 34.80
CA GLN A 10 18.86 19.99 36.01
C GLN A 10 18.60 19.22 37.30
N GLU A 11 17.86 18.11 37.21
CA GLU A 11 17.58 17.25 38.36
C GLU A 11 18.70 16.25 38.67
N LEU A 12 19.95 16.66 38.43
CA LEU A 12 21.12 15.82 38.67
C LEU A 12 22.32 16.64 39.09
N GLU A 13 22.30 17.93 38.75
CA GLU A 13 23.46 18.82 38.87
C GLU A 13 24.14 18.85 40.25
N ASP A 14 23.76 17.92 41.11
CA ASP A 14 24.31 17.76 42.47
C ASP A 14 25.78 17.35 42.43
N ASP A 15 26.01 16.12 41.95
CA ASP A 15 27.36 15.64 41.65
C ASP A 15 27.40 15.41 40.14
N ILE A 16 27.85 16.45 39.42
CA ILE A 16 27.74 16.49 37.96
C ILE A 16 28.75 15.53 37.32
N LEU A 17 28.37 14.93 36.20
CA LEU A 17 29.35 14.32 35.31
C LEU A 17 28.94 14.49 33.85
N PRO A 18 29.72 15.26 33.07
CA PRO A 18 29.43 15.59 31.66
C PRO A 18 29.07 14.39 30.77
N SER A 19 29.85 13.32 30.86
CA SER A 19 29.64 12.14 30.00
C SER A 19 28.66 11.11 30.54
N GLU A 20 28.52 11.00 31.86
CA GLU A 20 27.42 10.20 32.42
C GLU A 20 26.10 10.86 32.06
N ALA A 21 26.09 12.20 32.01
CA ALA A 21 24.91 12.96 31.64
C ALA A 21 24.42 12.65 30.23
N GLU A 22 25.34 12.66 29.26
CA GLU A 22 25.02 12.37 27.84
C GLU A 22 24.56 10.93 27.66
N ARG A 23 25.11 10.02 28.46
CA ARG A 23 24.71 8.60 28.49
C ARG A 23 23.25 8.48 28.95
N ARG A 24 22.92 9.23 29.99
CA ARG A 24 21.59 9.14 30.62
C ARG A 24 20.49 9.83 29.80
N TYR A 25 20.84 10.96 29.19
CA TYR A 25 19.89 11.69 28.38
C TYR A 25 19.57 10.95 27.09
N GLN A 26 20.57 10.27 26.54
CA GLN A 26 20.42 9.43 25.36
C GLN A 26 19.47 8.29 25.68
N GLU A 27 19.72 7.67 26.83
CA GLU A 27 18.87 6.61 27.36
C GLU A 27 17.43 7.09 27.59
N TYR A 28 17.31 8.27 28.23
CA TYR A 28 16.04 8.96 28.42
C TYR A 28 15.33 9.18 27.09
N LYS A 29 16.06 9.70 26.10
CA LYS A 29 15.48 9.95 24.79
C LYS A 29 14.94 8.65 24.29
N SER A 30 15.84 7.67 24.15
CA SER A 30 15.49 6.37 23.62
C SER A 30 14.24 5.79 24.29
N GLU A 31 14.21 5.82 25.62
CA GLU A 31 13.11 5.25 26.40
C GLU A 31 11.82 6.05 26.32
N TYR A 32 11.92 7.37 26.32
CA TYR A 32 10.76 8.22 26.11
C TYR A 32 10.03 7.86 24.82
N ILE A 33 10.72 7.98 23.69
CA ILE A 33 10.11 7.78 22.39
C ILE A 33 9.47 6.40 22.19
N THR A 34 10.19 5.33 22.53
CA THR A 34 9.63 3.98 22.51
C THR A 34 8.32 3.93 23.30
N THR A 35 8.31 4.59 24.45
CA THR A 35 7.15 4.56 25.33
C THR A 35 5.98 5.39 24.80
N GLN A 36 6.25 6.61 24.34
CA GLN A 36 5.21 7.41 23.69
C GLN A 36 4.53 6.66 22.55
N LYS A 37 5.34 6.01 21.71
CA LYS A 37 4.81 5.26 20.58
C LYS A 37 3.96 4.09 21.02
N ARG A 38 4.29 3.45 22.13
CA ARG A 38 3.48 2.34 22.56
C ARG A 38 2.17 2.90 23.10
N ALA A 39 2.29 3.92 23.94
CA ALA A 39 1.16 4.61 24.54
C ALA A 39 0.13 4.99 23.47
N PHE A 40 0.59 5.63 22.40
CA PHE A 40 -0.29 6.06 21.34
C PHE A 40 -0.98 4.85 20.71
N PHE A 41 -0.19 3.83 20.42
CA PHE A 41 -0.75 2.60 19.90
C PHE A 41 -1.84 2.01 20.78
N ASN A 42 -1.61 2.00 22.09
CA ASN A 42 -2.56 1.44 23.03
C ASN A 42 -3.83 2.27 23.24
N THR A 43 -3.76 3.56 22.96
CA THR A 43 -4.91 4.46 23.01
C THR A 43 -5.84 4.19 21.84
N HIS A 44 -5.27 3.88 20.67
CA HIS A 44 -6.05 3.78 19.45
C HIS A 44 -6.13 2.39 18.80
N LYS A 45 -5.33 1.43 19.28
CA LYS A 45 -5.25 0.10 18.66
C LYS A 45 -6.61 -0.51 18.30
N GLU A 46 -7.66 -0.10 19.03
CA GLU A 46 -9.00 -0.71 18.90
C GLU A 46 -9.87 -0.03 17.83
N GLU A 47 -9.60 1.24 17.60
CA GLU A 47 -10.35 2.05 16.65
C GLU A 47 -10.12 1.59 15.21
N ASP A 48 -11.14 1.75 14.37
CA ASP A 48 -11.07 1.28 12.99
C ASP A 48 -10.18 2.14 12.12
N TRP A 49 -10.09 3.44 12.43
CA TRP A 49 -9.24 4.32 11.64
C TRP A 49 -7.83 3.75 11.60
N LEU A 50 -7.28 3.43 12.77
CA LEU A 50 -5.94 2.85 12.86
C LEU A 50 -5.85 1.44 12.26
N LYS A 51 -6.87 0.61 12.53
CA LYS A 51 -6.90 -0.77 12.02
C LYS A 51 -6.91 -0.83 10.50
N ASN A 52 -7.62 0.11 9.88
CA ASN A 52 -7.69 0.24 8.42
C ASN A 52 -6.40 0.72 7.78
N LYS A 53 -5.44 1.12 8.61
CA LYS A 53 -4.19 1.63 8.09
C LYS A 53 -3.12 0.58 8.23
N TYR A 54 -3.15 -0.16 9.34
CA TYR A 54 -2.05 -1.07 9.63
C TYR A 54 -2.37 -2.54 9.91
N HIS A 55 -3.65 -2.86 10.14
CA HIS A 55 -3.99 -4.23 10.46
C HIS A 55 -4.20 -5.08 9.21
N PRO A 56 -3.45 -6.19 9.07
CA PRO A 56 -3.51 -7.09 7.91
C PRO A 56 -4.89 -7.62 7.55
N THR A 57 -5.78 -7.81 8.53
CA THR A 57 -7.14 -8.27 8.23
C THR A 57 -7.94 -7.14 7.61
N ASN A 58 -8.03 -6.03 8.32
CA ASN A 58 -8.68 -4.84 7.76
C ASN A 58 -8.11 -4.41 6.41
N LEU A 59 -6.79 -4.44 6.26
CA LEU A 59 -6.21 -4.01 4.99
C LEU A 59 -6.86 -4.74 3.82
N LEU A 60 -6.93 -6.07 3.91
CA LEU A 60 -7.55 -6.87 2.83
C LEU A 60 -8.91 -6.30 2.34
N SER A 61 -9.74 -5.82 3.25
CA SER A 61 -11.00 -5.28 2.79
C SER A 61 -10.90 -3.78 2.47
N VAL A 62 -9.83 -3.14 2.92
CA VAL A 62 -9.59 -1.76 2.50
C VAL A 62 -9.22 -1.81 1.01
N ILE A 63 -8.41 -2.81 0.66
CA ILE A 63 -8.00 -3.06 -0.70
C ILE A 63 -9.22 -3.40 -1.53
N GLU A 64 -10.15 -4.21 -1.02
CA GLU A 64 -11.29 -4.60 -1.85
C GLU A 64 -12.28 -3.46 -2.09
N ARG A 65 -12.44 -2.57 -1.12
CA ARG A 65 -13.22 -1.37 -1.35
C ARG A 65 -12.52 -0.44 -2.32
N ARG A 66 -11.21 -0.28 -2.15
CA ARG A 66 -10.44 0.54 -3.07
C ARG A 66 -10.61 0.08 -4.52
N ASN A 67 -10.48 -1.23 -4.74
CA ASN A 67 -10.51 -1.73 -6.09
C ASN A 67 -11.87 -1.49 -6.72
N ASP A 68 -12.94 -1.76 -5.96
CA ASP A 68 -14.32 -1.58 -6.45
C ASP A 68 -14.59 -0.14 -6.84
N LEU A 69 -14.22 0.79 -5.95
CA LEU A 69 -14.37 2.20 -6.22
C LEU A 69 -13.66 2.54 -7.50
N ALA A 70 -12.39 2.10 -7.62
CA ALA A 70 -11.56 2.45 -8.78
C ALA A 70 -12.15 1.96 -10.11
N GLN A 71 -12.56 0.71 -10.14
CA GLN A 71 -13.20 0.16 -11.31
C GLN A 71 -14.37 1.03 -11.78
N LYS A 72 -15.25 1.38 -10.84
CA LYS A 72 -16.38 2.23 -11.17
C LYS A 72 -15.93 3.62 -11.63
N VAL A 73 -14.89 4.18 -10.99
CA VAL A 73 -14.40 5.51 -11.35
C VAL A 73 -13.71 5.54 -12.72
N ALA A 74 -13.05 4.43 -13.08
CA ALA A 74 -12.46 4.26 -14.40
C ALA A 74 -13.54 4.18 -15.47
N LYS A 75 -14.54 3.33 -15.24
CA LYS A 75 -15.70 3.25 -16.11
C LYS A 75 -16.17 4.65 -16.49
N ASP A 76 -16.45 5.46 -15.47
CA ASP A 76 -16.90 6.85 -15.62
C ASP A 76 -15.90 7.76 -16.32
N PHE A 77 -14.62 7.66 -15.93
CA PHE A 77 -13.57 8.49 -16.50
C PHE A 77 -13.52 8.24 -17.99
N LEU A 78 -13.55 6.97 -18.37
CA LEU A 78 -13.45 6.61 -19.77
C LEU A 78 -14.67 7.05 -20.58
N LEU A 79 -15.84 7.02 -19.96
CA LEU A 79 -17.07 7.49 -20.62
C LEU A 79 -17.01 8.97 -21.02
N ASP A 80 -16.44 9.80 -20.15
CA ASP A 80 -16.33 11.23 -20.41
C ASP A 80 -15.26 11.51 -21.45
N LEU A 81 -14.23 10.67 -21.44
CA LEU A 81 -13.21 10.73 -22.46
C LEU A 81 -13.83 10.41 -23.81
N GLN A 82 -14.67 9.37 -23.84
CA GLN A 82 -15.32 8.90 -25.06
C GLN A 82 -16.29 9.93 -25.64
N SER A 83 -16.80 10.79 -24.77
CA SER A 83 -17.78 11.78 -25.21
C SER A 83 -17.19 13.19 -25.30
N GLY A 84 -15.88 13.30 -25.06
CA GLY A 84 -15.19 14.59 -25.12
C GLY A 84 -15.63 15.52 -24.00
N THR A 85 -16.31 14.93 -23.01
CA THR A 85 -16.89 15.59 -21.85
C THR A 85 -15.93 15.63 -20.65
N LEU A 86 -14.69 15.19 -20.87
CA LEU A 86 -13.72 15.03 -19.78
C LEU A 86 -12.87 16.28 -19.56
N ASP A 87 -12.67 16.63 -18.30
CA ASP A 87 -11.86 17.78 -17.93
C ASP A 87 -10.48 17.35 -17.44
N LEU A 88 -9.43 18.00 -17.95
CA LEU A 88 -8.06 17.67 -17.58
C LEU A 88 -7.54 18.61 -16.51
N GLY A 89 -8.42 19.08 -15.63
CA GLY A 89 -8.04 19.95 -14.52
C GLY A 89 -7.30 19.16 -13.45
N PRO A 90 -6.72 19.87 -12.46
CA PRO A 90 -5.91 19.16 -11.45
C PRO A 90 -6.69 18.65 -10.21
N ALA A 91 -8.02 18.79 -10.23
CA ALA A 91 -8.90 18.29 -9.15
C ALA A 91 -9.02 16.76 -9.18
N VAL A 92 -9.18 16.17 -7.99
CA VAL A 92 -9.35 14.71 -7.82
C VAL A 92 -10.68 14.19 -8.41
N THR A 93 -11.75 14.95 -8.19
CA THR A 93 -13.02 14.75 -8.89
C THR A 93 -13.53 16.13 -9.33
N ALA A 94 -13.34 16.47 -10.60
CA ALA A 94 -13.62 17.81 -11.12
C ALA A 94 -15.02 17.92 -11.71
N LEU A 95 -15.50 19.16 -11.86
CA LEU A 95 -16.90 19.47 -12.21
C LEU A 95 -17.86 18.85 -11.16
N ASN A 96 -17.27 18.16 -10.17
CA ASN A 96 -17.98 17.43 -9.12
C ASN A 96 -18.02 18.21 -7.80
N ALA A 132 -5.76 27.30 -7.70
CA ALA A 132 -4.36 27.18 -8.13
C ALA A 132 -3.64 26.05 -7.38
N ALA A 133 -2.85 25.27 -8.11
CA ALA A 133 -2.32 23.97 -7.65
C ALA A 133 -0.81 23.96 -7.31
N PRO A 134 -0.35 22.94 -6.54
CA PRO A 134 1.08 22.85 -6.22
C PRO A 134 1.90 22.47 -7.45
N LYS A 135 3.09 23.07 -7.59
CA LYS A 135 3.91 22.89 -8.79
C LYS A 135 5.06 21.90 -8.61
N ALA A 136 5.45 21.25 -9.71
CA ALA A 136 6.54 20.26 -9.73
C ALA A 136 7.93 20.94 -9.84
N PRO A 137 9.02 20.22 -9.46
CA PRO A 137 10.37 20.80 -9.62
C PRO A 137 10.62 21.17 -11.09
N SER A 138 10.90 22.45 -11.34
CA SER A 138 10.86 23.01 -12.72
C SER A 138 11.73 22.32 -13.78
N PHE A 139 12.42 21.23 -13.43
CA PHE A 139 13.09 20.37 -14.42
C PHE A 139 12.05 19.82 -15.39
N THR A 140 10.79 20.09 -15.06
CA THR A 140 9.60 19.61 -15.76
C THR A 140 9.22 20.48 -16.98
N SER A 141 9.71 21.73 -17.02
CA SER A 141 9.61 22.62 -18.19
C SER A 141 10.01 21.89 -19.48
N ASP A 142 11.08 21.10 -19.35
CA ASP A 142 11.72 20.36 -20.43
C ASP A 142 10.71 19.66 -21.37
N PRO A 143 10.78 19.93 -22.69
CA PRO A 143 9.90 19.22 -23.63
C PRO A 143 10.33 17.78 -23.90
N LYS A 144 11.59 17.45 -23.61
CA LYS A 144 12.12 16.10 -23.78
C LYS A 144 11.64 15.22 -22.63
N ARG A 145 11.26 15.92 -21.56
CA ARG A 145 10.71 15.34 -20.36
C ARG A 145 9.40 14.68 -20.74
N ILE A 146 8.65 15.36 -21.61
CA ILE A 146 7.35 14.91 -22.07
C ILE A 146 7.41 13.52 -22.68
N LEU A 147 8.38 13.28 -23.55
CA LEU A 147 8.47 12.00 -24.22
C LEU A 147 8.74 10.89 -23.21
N THR A 148 9.48 11.21 -22.15
CA THR A 148 9.85 10.28 -21.10
C THR A 148 8.65 10.00 -20.19
N ASP A 149 7.99 11.07 -19.79
CA ASP A 149 6.83 10.99 -18.91
C ASP A 149 5.65 10.20 -19.50
N VAL A 150 5.46 10.28 -20.81
CA VAL A 150 4.37 9.57 -21.47
C VAL A 150 4.50 8.05 -21.34
N GLU A 151 5.69 7.51 -21.61
CA GLU A 151 5.96 6.08 -21.44
C GLU A 151 5.76 5.57 -20.03
N GLN A 152 6.32 6.32 -19.08
CA GLN A 152 6.30 5.98 -17.66
C GLN A 152 4.88 6.01 -17.13
N THR A 153 4.22 7.11 -17.43
CA THR A 153 2.83 7.29 -17.13
C THR A 153 1.98 6.13 -17.68
N GLN A 154 2.16 5.79 -18.95
CA GLN A 154 1.41 4.68 -19.56
C GLN A 154 1.84 3.34 -18.96
N ALA A 155 3.10 3.26 -18.57
CA ALA A 155 3.57 2.08 -17.85
C ALA A 155 2.86 1.94 -16.50
N LEU A 156 2.75 3.05 -15.76
CA LEU A 156 2.07 3.03 -14.45
C LEU A 156 0.59 2.67 -14.54
N VAL A 157 -0.13 3.29 -15.47
CA VAL A 157 -1.53 2.98 -15.74
C VAL A 157 -1.66 1.49 -15.98
N ARG A 158 -0.78 0.90 -16.77
CA ARG A 158 -0.82 -0.55 -17.02
C ARG A 158 -0.62 -1.34 -15.74
N LYS A 159 0.34 -0.91 -14.95
CA LYS A 159 0.64 -1.63 -13.76
C LYS A 159 -0.53 -1.58 -12.77
N LEU A 160 -0.95 -0.37 -12.42
CA LEU A 160 -2.01 -0.18 -11.42
C LEU A 160 -3.36 -0.70 -11.90
N ASP A 161 -3.62 -0.62 -13.20
CA ASP A 161 -4.84 -1.24 -13.71
C ASP A 161 -4.82 -2.76 -13.42
N SER A 162 -3.68 -3.43 -13.62
CA SER A 162 -3.60 -4.87 -13.36
C SER A 162 -3.78 -5.12 -11.89
N GLU A 163 -3.05 -4.37 -11.06
CA GLU A 163 -3.17 -4.48 -9.63
C GLU A 163 -4.62 -4.40 -9.18
N LYS A 164 -5.32 -3.36 -9.63
CA LYS A 164 -6.69 -3.12 -9.21
C LYS A 164 -7.78 -3.86 -9.99
N LYS A 165 -7.36 -4.71 -10.94
CA LYS A 165 -8.27 -5.49 -11.85
C LYS A 165 -9.22 -4.63 -12.66
N ILE A 166 -8.66 -3.55 -13.20
CA ILE A 166 -9.30 -2.77 -14.22
C ILE A 166 -8.82 -3.42 -15.51
N GLU A 167 -9.75 -4.00 -16.26
CA GLU A 167 -9.44 -4.92 -17.37
C GLU A 167 -9.34 -4.24 -18.74
N GLU A 168 -10.31 -3.42 -19.07
CA GLU A 168 -10.26 -2.73 -20.36
C GLU A 168 -10.02 -1.24 -20.22
N ASN A 169 -8.97 -0.77 -20.91
CA ASN A 169 -8.58 0.64 -20.88
C ASN A 169 -7.79 0.97 -22.11
N VAL A 170 -8.35 1.85 -22.93
CA VAL A 170 -7.74 2.31 -24.18
C VAL A 170 -6.42 3.04 -23.91
N LEU A 171 -6.34 3.68 -22.74
CA LEU A 171 -5.17 4.44 -22.33
C LEU A 171 -3.91 3.59 -22.06
N GLN A 172 -4.05 2.28 -22.08
CA GLN A 172 -2.93 1.40 -21.82
C GLN A 172 -2.53 0.69 -23.10
N SER A 188 10.52 4.37 -35.69
CA SER A 188 9.41 4.16 -34.75
C SER A 188 9.00 5.44 -34.00
N THR A 189 7.91 5.33 -33.23
CA THR A 189 7.21 6.50 -32.70
C THR A 189 7.01 6.44 -31.19
N GLY A 190 6.48 7.54 -30.64
CA GLY A 190 5.94 7.56 -29.29
C GLY A 190 4.53 6.99 -29.31
N PRO A 191 4.01 6.63 -28.13
CA PRO A 191 2.68 6.03 -27.99
C PRO A 191 1.54 6.88 -28.58
N VAL A 192 0.61 6.22 -29.28
CA VAL A 192 -0.54 6.91 -29.86
C VAL A 192 -1.80 6.23 -29.36
N VAL A 193 -2.80 7.02 -29.01
CA VAL A 193 -4.03 6.45 -28.52
C VAL A 193 -5.16 7.02 -29.30
N ILE A 194 -6.02 6.15 -29.80
CA ILE A 194 -7.18 6.61 -30.56
C ILE A 194 -8.48 6.35 -29.83
N ILE A 195 -9.20 7.43 -29.60
CA ILE A 195 -10.44 7.35 -28.85
C ILE A 195 -11.60 7.37 -29.82
N ARG A 196 -12.18 6.19 -29.99
CA ARG A 196 -13.38 6.02 -30.80
C ARG A 196 -14.55 6.45 -29.92
N GLY A 197 -15.05 7.67 -30.15
CA GLY A 197 -16.07 8.27 -29.30
C GLY A 197 -17.51 7.99 -29.71
N LEU A 198 -18.44 8.56 -28.97
CA LEU A 198 -19.83 8.55 -29.40
C LEU A 198 -19.98 9.29 -30.72
N THR A 199 -19.70 10.61 -30.71
CA THR A 199 -19.85 11.46 -31.90
C THR A 199 -18.68 11.31 -32.90
N SER A 200 -17.45 11.43 -32.40
CA SER A 200 -16.27 11.51 -33.26
C SER A 200 -15.00 11.09 -32.57
N VAL A 201 -14.00 10.77 -33.38
CA VAL A 201 -12.68 10.33 -32.94
C VAL A 201 -11.77 11.46 -32.44
N LYS A 202 -10.86 11.08 -31.55
CA LYS A 202 -9.79 11.97 -31.10
C LYS A 202 -8.52 11.16 -31.03
N GLY A 203 -7.46 11.70 -31.60
CA GLY A 203 -6.15 11.11 -31.47
C GLY A 203 -5.47 11.87 -30.36
N LEU A 204 -4.73 11.14 -29.50
CA LEU A 204 -3.94 11.74 -28.43
C LEU A 204 -2.49 11.32 -28.55
N GLU A 205 -1.56 12.26 -28.41
CA GLU A 205 -0.16 11.99 -28.71
C GLU A 205 0.89 12.48 -27.69
N GLY A 206 0.99 13.79 -27.47
CA GLY A 206 2.08 14.33 -26.69
C GLY A 206 1.56 14.73 -25.34
N VAL A 207 1.64 16.04 -25.08
CA VAL A 207 1.14 16.61 -23.84
C VAL A 207 -0.30 16.23 -23.53
N GLU A 208 -1.14 16.24 -24.57
CA GLU A 208 -2.53 15.88 -24.39
C GLU A 208 -2.66 14.44 -23.89
N LEU A 209 -1.93 13.51 -24.50
CA LEU A 209 -1.92 12.15 -24.02
C LEU A 209 -1.36 12.15 -22.61
N LEU A 210 -0.26 12.86 -22.41
CA LEU A 210 0.33 12.91 -21.09
C LEU A 210 -0.67 13.39 -20.05
N ASP A 211 -1.29 14.55 -20.28
CA ASP A 211 -2.30 15.08 -19.34
C ASP A 211 -3.50 14.18 -19.07
N THR A 212 -3.96 13.48 -20.11
CA THR A 212 -5.00 12.49 -19.94
C THR A 212 -4.53 11.40 -19.00
N LEU A 213 -3.32 10.90 -19.23
CA LEU A 213 -2.80 9.81 -18.42
C LEU A 213 -2.57 10.24 -16.97
N VAL A 214 -1.94 11.40 -16.78
CA VAL A 214 -1.63 11.93 -15.46
C VAL A 214 -2.92 12.11 -14.67
N THR A 215 -3.89 12.75 -15.31
CA THR A 215 -5.20 12.92 -14.71
C THR A 215 -5.78 11.57 -14.32
N TYR A 216 -5.86 10.64 -15.28
CA TYR A 216 -6.32 9.26 -15.00
C TYR A 216 -5.68 8.70 -13.73
N LEU A 217 -4.36 8.75 -13.65
CA LEU A 217 -3.63 8.22 -12.49
C LEU A 217 -4.11 8.86 -11.20
N TRP A 218 -4.37 10.16 -11.23
CA TRP A 218 -4.73 10.88 -10.04
C TRP A 218 -6.17 10.58 -9.63
N ARG A 219 -7.09 10.67 -10.59
CA ARG A 219 -8.49 10.42 -10.31
C ARG A 219 -8.81 8.97 -9.95
N VAL A 220 -8.25 8.01 -10.69
CA VAL A 220 -8.58 6.60 -10.47
C VAL A 220 -7.72 5.97 -9.39
N HIS A 221 -6.40 6.21 -9.41
CA HIS A 221 -5.44 5.50 -8.57
C HIS A 221 -4.86 6.35 -7.41
N GLY A 222 -5.29 7.61 -7.32
CA GLY A 222 -4.80 8.47 -6.27
C GLY A 222 -3.30 8.56 -6.38
N LEU A 223 -2.79 8.52 -7.60
CA LEU A 223 -1.36 8.63 -7.81
C LEU A 223 -1.03 9.99 -8.38
N ASP A 224 -0.29 10.76 -7.61
CA ASP A 224 0.08 12.09 -8.03
C ASP A 224 1.44 11.99 -8.69
N TYR A 225 1.43 11.82 -10.01
CA TYR A 225 2.64 11.53 -10.77
C TYR A 225 3.73 12.54 -10.51
N TYR A 226 3.42 13.79 -10.84
CA TYR A 226 4.35 14.89 -10.65
C TYR A 226 4.67 15.17 -9.18
N GLY A 227 3.92 14.55 -8.27
CA GLY A 227 4.11 14.73 -6.85
C GLY A 227 4.83 13.58 -6.16
N LYS A 228 5.22 12.56 -6.93
CA LYS A 228 6.02 11.45 -6.42
C LYS A 228 5.36 10.80 -5.21
N VAL A 229 4.04 10.67 -5.23
CA VAL A 229 3.28 10.10 -4.10
C VAL A 229 1.98 9.42 -4.53
N GLU A 230 1.65 8.31 -3.87
CA GLU A 230 0.34 7.67 -3.98
C GLU A 230 -0.25 7.29 -2.61
N THR A 231 -1.47 7.78 -2.36
CA THR A 231 -2.19 7.49 -1.13
C THR A 231 -3.49 6.77 -1.47
N ASN A 232 -4.06 6.09 -0.47
CA ASN A 232 -5.26 5.28 -0.68
C ASN A 232 -6.53 6.08 -0.91
N GLU A 233 -6.71 7.21 -0.22
CA GLU A 233 -7.88 8.07 -0.48
C GLU A 233 -7.50 9.51 -0.75
N ALA A 234 -6.77 9.71 -1.85
CA ALA A 234 -6.20 11.01 -2.21
C ALA A 234 -7.24 12.12 -2.30
N LYS A 235 -6.83 13.33 -1.92
CA LYS A 235 -7.73 14.48 -1.86
C LYS A 235 -7.06 15.75 -2.35
N GLY A 236 -7.87 16.64 -2.89
CA GLY A 236 -7.37 17.95 -3.29
C GLY A 236 -6.79 18.00 -4.67
N LEU A 237 -5.64 18.66 -4.80
CA LEU A 237 -5.05 18.97 -6.10
C LEU A 237 -3.70 18.31 -6.31
N ARG A 238 -3.57 17.58 -7.41
CA ARG A 238 -2.30 16.98 -7.78
C ARG A 238 -1.32 18.03 -8.30
N HIS A 239 -0.04 17.70 -8.24
CA HIS A 239 1.03 18.57 -8.73
C HIS A 239 0.95 18.74 -10.25
N VAL A 240 1.07 19.98 -10.73
CA VAL A 240 1.07 20.27 -12.16
C VAL A 240 2.51 20.54 -12.60
N ARG A 241 2.68 20.88 -13.88
CA ARG A 241 4.01 21.16 -14.43
C ARG A 241 4.61 22.48 -13.94
N ASP A 252 19.54 16.34 -13.00
CA ASP A 252 20.42 16.51 -11.85
C ASP A 252 19.89 15.73 -10.65
N GLU A 253 19.82 16.39 -9.50
CA GLU A 253 19.39 15.79 -8.24
C GLU A 253 17.96 15.26 -8.28
N ASN A 254 17.02 16.11 -8.72
CA ASN A 254 15.60 15.78 -8.70
C ASN A 254 15.22 14.72 -9.75
N GLU A 255 15.77 14.90 -10.95
CA GLU A 255 15.39 14.12 -12.13
C GLU A 255 15.81 12.65 -12.08
N SER A 256 16.95 12.34 -11.49
CA SER A 256 17.36 10.94 -11.37
C SER A 256 16.51 10.20 -10.36
N LYS A 257 16.17 10.86 -9.24
CA LYS A 257 15.31 10.29 -8.19
C LYS A 257 13.85 10.17 -8.61
N PHE A 258 13.35 11.17 -9.34
CA PHE A 258 11.99 11.14 -9.87
C PHE A 258 11.78 9.81 -10.59
N ASP A 259 12.57 9.58 -11.64
CA ASP A 259 12.52 8.31 -12.38
C ASP A 259 12.74 7.08 -11.51
N SER A 260 13.69 7.16 -10.58
CA SER A 260 13.95 6.05 -9.67
C SER A 260 12.69 5.72 -8.91
N HIS A 261 12.09 6.74 -8.29
CA HIS A 261 10.91 6.55 -7.51
C HIS A 261 9.93 5.71 -8.33
N TRP A 262 9.51 6.25 -9.48
CA TRP A 262 8.49 5.62 -10.31
C TRP A 262 8.94 4.31 -10.95
N GLN A 263 10.24 4.18 -11.20
CA GLN A 263 10.80 2.97 -11.81
C GLN A 263 10.80 1.78 -10.88
N GLU A 264 11.15 2.02 -9.61
CA GLU A 264 11.07 0.98 -8.59
C GLU A 264 9.60 0.64 -8.31
N ARG A 265 8.74 1.67 -8.31
CA ARG A 265 7.28 1.48 -8.26
C ARG A 265 6.79 0.58 -9.38
N LEU A 266 7.30 0.81 -10.59
CA LEU A 266 6.97 -0.08 -11.69
C LEU A 266 7.47 -1.49 -11.43
N LYS A 267 8.62 -1.61 -10.75
CA LYS A 267 9.22 -2.92 -10.46
C LYS A 267 8.54 -3.67 -9.35
N GLY A 268 8.20 -2.96 -8.28
CA GLY A 268 7.68 -3.61 -7.09
C GLY A 268 6.21 -4.01 -7.06
N GLN A 269 5.50 -3.47 -6.08
CA GLN A 269 4.19 -3.92 -5.74
C GLN A 269 3.37 -2.76 -5.21
N ASP A 270 2.07 -3.01 -5.06
CA ASP A 270 1.18 -2.05 -4.42
C ASP A 270 1.62 -1.87 -2.96
N PRO A 271 2.01 -0.65 -2.59
CA PRO A 271 2.29 -0.26 -1.19
C PRO A 271 1.31 -0.83 -0.16
N LEU A 272 0.00 -0.65 -0.40
CA LEU A 272 -1.04 -1.21 0.47
C LEU A 272 -0.95 -2.70 0.55
N GLU A 273 -0.73 -3.34 -0.58
CA GLU A 273 -0.69 -4.77 -0.60
C GLU A 273 0.53 -5.29 0.17
N VAL A 274 1.66 -4.60 -0.01
CA VAL A 274 2.86 -4.82 0.78
C VAL A 274 2.62 -4.71 2.31
N MET A 275 1.94 -3.65 2.77
CA MET A 275 1.47 -3.55 4.15
C MET A 275 0.71 -4.78 4.56
N ALA A 276 -0.30 -5.13 3.77
CA ALA A 276 -1.20 -6.21 4.11
C ALA A 276 -0.45 -7.54 4.30
N ALA A 277 0.60 -7.72 3.50
CA ALA A 277 1.46 -8.92 3.50
C ALA A 277 0.73 -10.25 3.65
N LYS A 278 -0.29 -10.48 2.82
CA LYS A 278 -1.14 -11.68 2.87
C LYS A 278 -0.32 -12.98 2.68
N GLU A 279 0.65 -12.98 1.77
CA GLU A 279 1.50 -14.14 1.56
C GLU A 279 2.18 -14.50 2.88
N LYS A 280 2.85 -13.51 3.45
CA LYS A 280 3.62 -13.68 4.66
C LYS A 280 2.74 -14.23 5.77
N ILE A 281 1.53 -13.71 5.87
CA ILE A 281 0.59 -14.13 6.91
C ILE A 281 0.01 -15.52 6.72
N ASP A 282 -0.26 -15.91 5.48
CA ASP A 282 -0.71 -17.27 5.21
C ASP A 282 0.37 -18.28 5.51
N ALA A 283 1.59 -17.93 5.13
CA ALA A 283 2.76 -18.72 5.44
C ALA A 283 2.84 -18.98 6.95
N ALA A 284 2.81 -17.90 7.73
CA ALA A 284 2.88 -17.97 9.19
C ALA A 284 1.69 -18.71 9.82
N ALA A 285 0.53 -18.64 9.18
CA ALA A 285 -0.68 -19.30 9.66
C ALA A 285 -0.67 -20.81 9.40
N THR A 286 -0.09 -21.19 8.27
CA THR A 286 0.10 -22.57 7.91
C THR A 286 1.11 -23.22 8.85
N GLU A 287 2.22 -22.51 9.11
CA GLU A 287 3.22 -23.04 10.00
C GLU A 287 2.63 -23.35 11.37
N ALA A 288 1.79 -22.45 11.89
CA ALA A 288 1.19 -22.64 13.21
C ALA A 288 0.34 -23.90 13.31
N LEU A 289 -0.14 -24.38 12.17
CA LEU A 289 -1.06 -25.51 12.10
C LEU A 289 -0.35 -26.86 11.99
N ASP A 290 0.92 -26.83 11.59
CA ASP A 290 1.74 -28.05 11.49
C ASP A 290 1.58 -29.07 12.61
N PRO A 291 1.67 -28.63 13.89
CA PRO A 291 1.44 -29.55 15.01
C PRO A 291 0.11 -30.35 14.94
N HIS A 292 -0.86 -29.80 14.20
CA HIS A 292 -2.19 -30.34 14.12
C HIS A 292 -2.48 -31.09 12.84
N VAL A 293 -1.44 -31.47 12.10
CA VAL A 293 -1.61 -32.29 10.91
C VAL A 293 -0.79 -33.57 11.05
N ARG A 294 -1.46 -34.72 11.22
CA ARG A 294 -0.78 -36.02 11.32
C ARG A 294 -0.35 -36.52 9.94
N LYS A 295 0.95 -36.70 9.74
CA LYS A 295 1.45 -37.39 8.56
C LYS A 295 1.41 -38.91 8.78
N ILE A 296 0.94 -39.65 7.78
CA ILE A 296 0.75 -41.11 7.88
C ILE A 296 0.98 -41.76 6.52
N ARG A 297 1.82 -42.81 6.47
CA ARG A 297 1.93 -43.56 5.22
C ARG A 297 0.76 -44.52 5.04
N ASP A 298 0.21 -44.47 3.83
CA ASP A 298 -0.78 -45.41 3.36
C ASP A 298 -0.06 -46.63 2.79
N GLU A 299 -0.73 -47.77 2.87
CA GLU A 299 -0.22 -49.04 2.36
C GLU A 299 0.00 -49.05 0.85
N LYS A 300 -0.61 -48.09 0.15
CA LYS A 300 -0.58 -48.07 -1.32
C LYS A 300 -0.48 -46.68 -1.92
N TYR A 301 -1.12 -45.70 -1.29
CA TYR A 301 -1.39 -44.38 -1.91
C TYR A 301 -0.44 -43.28 -1.41
N GLY A 302 0.76 -43.67 -1.02
CA GLY A 302 1.79 -42.75 -0.56
C GLY A 302 1.50 -42.21 0.82
N TRP A 303 1.46 -40.89 0.93
CA TRP A 303 1.20 -40.24 2.20
C TRP A 303 -0.23 -39.73 2.26
N LYS A 304 -0.97 -40.14 3.29
CA LYS A 304 -2.22 -39.47 3.63
C LYS A 304 -1.99 -38.56 4.85
N TYR A 305 -2.82 -37.53 4.96
CA TYR A 305 -2.63 -36.53 5.99
C TYR A 305 -3.92 -36.41 6.79
N GLY A 306 -3.81 -36.61 8.09
CA GLY A 306 -4.97 -36.68 8.96
C GLY A 306 -5.07 -35.47 9.85
N CYS A 307 -6.31 -35.04 10.10
CA CYS A 307 -6.55 -33.84 10.90
C CYS A 307 -6.37 -34.13 12.38
N GLY A 308 -5.57 -33.28 13.04
CA GLY A 308 -5.17 -33.48 14.44
C GLY A 308 -5.94 -32.72 15.51
N ALA A 309 -7.08 -32.14 15.15
CA ALA A 309 -7.98 -31.55 16.12
C ALA A 309 -8.68 -32.70 16.82
N LYS A 310 -9.41 -32.39 17.91
CA LYS A 310 -10.07 -33.43 18.72
C LYS A 310 -11.51 -33.70 18.34
N GLY A 311 -11.89 -34.95 18.52
CA GLY A 311 -13.20 -35.44 18.09
C GLY A 311 -13.17 -35.77 16.60
N CYS A 312 -12.10 -35.35 15.93
CA CYS A 312 -12.02 -35.39 14.48
C CYS A 312 -11.12 -36.49 13.89
N THR A 313 -11.62 -37.15 12.84
CA THR A 313 -11.00 -38.34 12.28
C THR A 313 -10.83 -38.27 10.76
N LYS A 314 -11.12 -37.10 10.16
CA LYS A 314 -11.09 -36.95 8.70
C LYS A 314 -9.68 -37.12 8.11
N LEU A 315 -9.60 -37.71 6.92
CA LEU A 315 -8.35 -37.98 6.24
C LEU A 315 -8.32 -37.35 4.85
N PHE A 316 -7.18 -36.76 4.49
CA PHE A 316 -7.02 -36.03 3.25
C PHE A 316 -5.81 -36.54 2.50
N HIS A 317 -5.66 -36.17 1.24
CA HIS A 317 -4.58 -36.70 0.40
C HIS A 317 -3.40 -35.75 0.18
N ALA A 318 -3.58 -34.48 0.54
CA ALA A 318 -2.49 -33.52 0.49
C ALA A 318 -2.54 -32.74 1.77
N ALA A 319 -1.44 -32.08 2.11
CA ALA A 319 -1.40 -31.31 3.36
C ALA A 319 -2.26 -30.04 3.28
N GLU A 320 -2.33 -29.39 2.11
CA GLU A 320 -3.08 -28.12 1.95
C GLU A 320 -4.55 -28.37 2.31
N PHE A 321 -4.99 -29.59 2.02
CA PHE A 321 -6.37 -29.95 2.19
C PHE A 321 -6.75 -29.93 3.69
N VAL A 322 -5.83 -30.36 4.54
CA VAL A 322 -6.05 -30.28 5.99
C VAL A 322 -6.05 -28.84 6.52
N TYR A 323 -5.12 -28.01 6.04
CA TYR A 323 -5.09 -26.61 6.43
C TYR A 323 -6.43 -25.97 6.11
N LYS A 324 -6.89 -26.16 4.88
CA LYS A 324 -8.14 -25.55 4.41
C LYS A 324 -9.28 -26.06 5.28
N HIS A 325 -9.24 -27.34 5.61
CA HIS A 325 -10.29 -27.94 6.43
C HIS A 325 -10.35 -27.35 7.84
N LEU A 326 -9.17 -27.14 8.44
CA LEU A 326 -9.03 -26.57 9.77
C LEU A 326 -9.66 -25.18 9.91
N LYS A 327 -9.40 -24.28 8.96
CA LYS A 327 -10.04 -22.96 9.02
C LYS A 327 -11.46 -22.93 8.51
N LEU A 328 -12.11 -24.08 8.46
CA LEU A 328 -13.50 -24.13 8.07
C LEU A 328 -14.31 -25.01 9.00
N LYS A 329 -13.64 -25.90 9.72
CA LYS A 329 -14.35 -26.80 10.61
C LYS A 329 -13.82 -26.66 12.03
N HIS A 330 -12.78 -25.84 12.18
CA HIS A 330 -12.17 -25.54 13.47
C HIS A 330 -11.72 -24.09 13.54
N THR A 331 -12.60 -23.18 13.10
CA THR A 331 -12.33 -21.74 13.05
C THR A 331 -11.62 -21.12 14.26
N GLU A 332 -12.09 -21.44 15.46
CA GLU A 332 -11.58 -20.82 16.66
C GLU A 332 -10.25 -21.41 17.12
N LEU A 333 -10.06 -22.71 16.96
CA LEU A 333 -8.72 -23.31 17.17
C LEU A 333 -7.70 -22.64 16.29
N VAL A 334 -8.11 -22.26 15.08
CA VAL A 334 -7.23 -21.52 14.16
C VAL A 334 -7.01 -20.08 14.65
N THR A 335 -8.09 -19.33 14.84
CA THR A 335 -8.02 -17.96 15.38
C THR A 335 -7.08 -17.88 16.58
N GLU A 336 -7.24 -18.81 17.52
CA GLU A 336 -6.38 -18.90 18.70
C GLU A 336 -4.91 -19.21 18.36
N LEU A 337 -4.65 -19.98 17.30
CA LEU A 337 -3.28 -20.32 16.91
C LEU A 337 -2.60 -19.25 16.07
N THR A 338 -3.35 -18.27 15.58
CA THR A 338 -2.80 -17.29 14.65
C THR A 338 -2.98 -15.82 15.01
N THR A 339 -3.47 -15.52 16.20
CA THR A 339 -3.72 -14.13 16.57
C THR A 339 -2.41 -13.34 16.66
N LYS A 340 -1.40 -13.91 17.33
CA LYS A 340 -0.13 -13.20 17.60
C LYS A 340 0.55 -12.61 16.36
N VAL A 341 0.75 -13.44 15.34
CA VAL A 341 1.42 -12.95 14.14
C VAL A 341 0.68 -11.78 13.52
N ARG A 342 -0.64 -11.88 13.48
CA ARG A 342 -1.48 -10.81 12.94
C ARG A 342 -1.35 -9.54 13.73
N GLU A 343 -1.44 -9.66 15.06
CA GLU A 343 -1.39 -8.50 15.94
C GLU A 343 0.05 -7.95 16.11
N GLU A 344 1.05 -8.80 15.95
CA GLU A 344 2.41 -8.33 15.98
C GLU A 344 2.73 -7.55 14.71
N LEU A 345 2.21 -8.04 13.60
CA LEU A 345 2.38 -7.34 12.34
C LEU A 345 1.60 -6.02 12.36
N TYR A 346 0.40 -6.05 12.94
CA TYR A 346 -0.34 -4.83 13.14
C TYR A 346 0.56 -3.82 13.85
N PHE A 347 1.19 -4.26 14.93
CA PHE A 347 1.97 -3.34 15.72
C PHE A 347 3.15 -2.86 14.87
N GLN A 348 3.80 -3.81 14.20
CA GLN A 348 4.97 -3.47 13.39
C GLN A 348 4.72 -2.48 12.25
N ASN A 349 3.58 -2.61 11.57
CA ASN A 349 3.21 -1.66 10.53
C ASN A 349 3.09 -0.24 11.06
N TYR A 350 2.41 -0.13 12.21
CA TYR A 350 2.17 1.14 12.86
C TYR A 350 3.50 1.80 13.19
N LEU A 351 4.41 1.03 13.78
CA LEU A 351 5.74 1.53 14.17
C LEU A 351 6.52 2.06 12.98
N GLU A 352 6.48 1.32 11.88
CA GLU A 352 7.28 1.66 10.73
C GLU A 352 6.69 2.84 9.95
N HIS A 353 5.38 2.78 9.69
CA HIS A 353 4.75 3.64 8.69
C HIS A 353 4.01 4.86 9.22
N HIS A 354 3.96 5.04 10.53
CA HIS A 354 3.18 6.13 11.11
C HIS A 354 4.04 7.32 11.50
N HIS A 355 3.67 8.51 11.05
CA HIS A 355 4.39 9.72 11.43
C HIS A 355 4.07 10.13 12.87
N HIS A 356 5.03 9.99 13.78
CA HIS A 356 4.83 10.38 15.18
C HIS A 356 5.49 11.72 15.49
N HIS A 357 4.76 12.61 16.13
CA HIS A 357 5.26 13.95 16.45
C HIS A 357 6.00 13.92 17.78
N HIS A 358 7.28 14.31 17.76
CA HIS A 358 8.10 14.35 18.98
C HIS A 358 8.95 15.62 19.01
#